data_1K3X
#
_entry.id   1K3X
#
_cell.length_a   76.495
_cell.length_b   76.495
_cell.length_c   164.310
_cell.angle_alpha   90.00
_cell.angle_beta   90.00
_cell.angle_gamma   90.00
#
_symmetry.space_group_name_H-M   'P 43 2 2'
#
loop_
_entity.id
_entity.type
_entity.pdbx_description
1 polymer "5'-D(*GP*GP*CP*(BRU)P*(BRU)P*CP*AP*(BRU)P*CP*CP*(BRU)P*GP*G)-3'"
2 polymer "5'-D(*CP*CP*AP*GP*GP*AP*(PED)P*GP*AP*AP*GP*CP*C)-3'"
3 polymer 'Endonuclease VIII'
4 non-polymer 'ZINC ION'
5 non-polymer 'SULFATE ION'
6 non-polymer GLYCEROL
7 water water
#
loop_
_entity_poly.entity_id
_entity_poly.type
_entity_poly.pdbx_seq_one_letter_code
_entity_poly.pdbx_strand_id
1 'polydeoxyribonucleotide' (DG)(DG)(DC)(BRU)(BRU)(DC)(DA)(BRU)(DC)(DC)(BRU)(DG)(DG) B
2 'polydeoxyribonucleotide' (DC)(DC)(DA)(DG)(DG)(DA)(PED)(DG)(DA)(DA)(DG)(DC)(DC) C
3 'polypeptide(L)'
;PEGPEIRRAADNLEAAIKGKPLTDVWFAFPQLKTYQSQLIGQHVTHVETRGKALLTHFSNDLTLYSHNQLYGVWRVVDTG
EEPQTTRVLRVKLQTADKTILLYSASDIEMLRPEQLTTHPFLQRVGPDVLDPNLTPEVVKERLLSPRFRNRQFAGLLLDQ
AFLAGLGNYLRVEILWQVGLTGNHKAKDLNAAQLDALAHALLEIPRFSYATRGQVDENKHHGALFRFKVFHRDGEPCERC
GSIIEKTTLSSRPFYWCPGCQH
;
A
#
loop_
_chem_comp.id
_chem_comp.type
_chem_comp.name
_chem_comp.formula
BRU DNA linking 5-BROMO-2'-DEOXYURIDINE-5'-MONOPHOSPHATE 'C9 H12 Br N2 O8 P'
DA DNA linking 2'-DEOXYADENOSINE-5'-MONOPHOSPHATE 'C10 H14 N5 O6 P'
DC DNA linking 2'-DEOXYCYTIDINE-5'-MONOPHOSPHATE 'C9 H14 N3 O7 P'
DG DNA linking 2'-DEOXYGUANOSINE-5'-MONOPHOSPHATE 'C10 H14 N5 O7 P'
GOL non-polymer GLYCEROL 'C3 H8 O3'
PED non-polymer PENTANE-3,4-DIOL-5-PHOSPHATE 'C5 H13 O6 P'
SO4 non-polymer 'SULFATE ION' 'O4 S -2'
ZN non-polymer 'ZINC ION' 'Zn 2'
#
# COMPACT_ATOMS: atom_id res chain seq x y z
N1 BRU A 4 11.61 -18.43 -4.44
C2 BRU A 4 10.23 -18.24 -4.28
N3 BRU A 4 9.87 -17.05 -3.59
C4 BRU A 4 10.74 -16.17 -3.06
C5 BRU A 4 12.17 -16.47 -3.29
C6 BRU A 4 12.57 -17.56 -3.95
O2 BRU A 4 9.28 -18.88 -4.68
O4 BRU A 4 10.44 -15.13 -2.48
BR BRU A 4 13.01 -14.97 -2.48
C1' BRU A 4 11.93 -19.67 -5.17
C2' BRU A 4 12.45 -19.39 -6.57
C3' BRU A 4 13.54 -20.48 -6.70
C4' BRU A 4 14.09 -20.42 -5.24
O3' BRU A 4 12.69 -21.67 -6.78
O4' BRU A 4 12.83 -20.55 -4.52
C5' BRU A 4 15.19 -21.36 -4.88
O5' BRU A 4 16.03 -21.09 -3.77
P BRU A 4 16.62 -19.70 -3.20
OP1 BRU A 4 18.03 -19.93 -2.65
OP2 BRU A 4 16.49 -18.53 -4.16
N1 BRU A 5 8.45 -17.60 -7.58
C2 BRU A 5 7.64 -16.75 -6.81
N3 BRU A 5 8.29 -15.64 -6.23
C4 BRU A 5 9.65 -15.42 -6.32
C5 BRU A 5 10.33 -16.39 -7.14
C6 BRU A 5 9.78 -17.46 -7.75
O2 BRU A 5 6.44 -16.92 -6.74
O4 BRU A 5 10.15 -14.42 -5.72
BR BRU A 5 12.19 -16.09 -7.33
C1' BRU A 5 7.80 -18.75 -8.21
C2' BRU A 5 8.16 -19.04 -9.67
C3' BRU A 5 8.09 -20.58 -9.69
C4' BRU A 5 8.27 -21.05 -8.24
O3' BRU A 5 6.80 -21.08 -10.03
O4' BRU A 5 8.45 -19.82 -7.46
C5' BRU A 5 9.49 -21.91 -7.97
O5' BRU A 5 10.68 -21.14 -8.23
P BRU A 5 12.09 -21.86 -8.29
OP1 BRU A 5 11.88 -23.35 -8.60
OP2 BRU A 5 13.00 -21.09 -9.26
N1 BRU A 8 4.67 -8.16 -15.63
C2 BRU A 8 5.64 -7.53 -14.85
N3 BRU A 8 6.79 -8.27 -14.44
C4 BRU A 8 7.00 -9.55 -14.83
C5 BRU A 8 5.96 -10.18 -15.67
C6 BRU A 8 4.87 -9.43 -16.04
O2 BRU A 8 5.56 -6.36 -14.53
O4 BRU A 8 8.04 -10.15 -14.44
BR BRU A 8 6.23 -11.85 -16.41
C1' BRU A 8 3.46 -7.42 -16.02
C2' BRU A 8 3.05 -7.40 -17.46
C3' BRU A 8 1.53 -7.39 -17.39
C4' BRU A 8 1.17 -7.75 -15.93
O3' BRU A 8 0.98 -6.08 -17.53
O4' BRU A 8 2.42 -8.19 -15.34
C5' BRU A 8 0.12 -8.77 -15.78
O5' BRU A 8 0.57 -9.98 -16.39
P BRU A 8 -0.33 -11.32 -16.15
OP1 BRU A 8 -1.81 -10.99 -16.18
OP2 BRU A 8 0.21 -12.30 -17.12
N1 BRU A 11 14.69 -2.17 -19.84
C2 BRU A 11 15.10 -3.50 -19.79
N3 BRU A 11 14.44 -4.48 -20.67
C4 BRU A 11 13.41 -4.06 -21.55
C5 BRU A 11 13.07 -2.63 -21.51
C6 BRU A 11 13.68 -1.75 -20.70
O2 BRU A 11 15.97 -3.96 -19.07
O4 BRU A 11 12.89 -4.92 -22.29
BR BRU A 11 11.72 -1.93 -22.66
C1' BRU A 11 15.19 -1.01 -19.05
C2' BRU A 11 15.55 0.18 -19.96
C3' BRU A 11 15.44 1.28 -18.88
C4' BRU A 11 14.07 0.93 -18.25
O3' BRU A 11 16.35 0.82 -17.83
O4' BRU A 11 14.06 -0.52 -18.26
C5' BRU A 11 12.87 1.63 -18.76
O5' BRU A 11 12.76 1.63 -20.21
P BRU A 11 11.29 1.94 -20.85
OP1 BRU A 11 11.11 3.43 -21.02
OP2 BRU A 11 11.04 1.09 -22.09
P PED B 7 11.59 -2.49 -5.26
O1P PED B 7 12.30 -1.55 -4.34
O2P PED B 7 11.70 -3.98 -5.06
O5' PED B 7 10.01 -2.16 -5.22
C2' PED B 7 6.40 -0.87 -5.70
C5' PED B 7 9.56 -0.77 -5.19
C4' PED B 7 8.46 -0.79 -4.07
O4' PED B 7 8.15 0.57 -3.81
C3' PED B 7 7.19 -1.54 -4.58
C1' PED B 7 5.51 0.28 -5.22
O3' PED B 7 6.26 -1.63 -3.46
N PRO C 1 4.34 0.70 -5.88
CA PRO C 1 3.27 1.38 -5.18
C PRO C 1 2.91 0.71 -3.86
N GLU C 2 3.13 1.46 -2.79
CA GLU C 2 2.94 0.96 -1.42
C GLU C 2 1.66 1.53 -0.84
N GLY C 3 1.43 1.32 0.48
CA GLY C 3 0.14 1.76 1.01
C GLY C 3 -0.23 3.21 0.72
N PRO C 4 0.71 4.16 0.88
CA PRO C 4 0.38 5.58 0.60
C PRO C 4 -0.12 5.82 -0.81
N GLU C 5 0.56 5.15 -1.77
CA GLU C 5 0.20 5.36 -3.18
C GLU C 5 -1.15 4.69 -3.50
N ILE C 6 -1.42 3.55 -2.87
CA ILE C 6 -2.71 2.87 -3.10
C ILE C 6 -3.83 3.68 -2.49
N ARG C 7 -3.63 4.31 -1.31
CA ARG C 7 -4.68 5.12 -0.72
C ARG C 7 -4.87 6.38 -1.55
N ARG C 8 -3.81 7.00 -2.03
CA ARG C 8 -3.99 8.14 -2.96
C ARG C 8 -4.81 7.72 -4.17
N ALA C 9 -4.52 6.55 -4.74
CA ALA C 9 -5.29 6.08 -5.91
C ALA C 9 -6.74 5.88 -5.53
N ALA C 10 -6.99 5.21 -4.41
CA ALA C 10 -8.37 4.98 -3.97
C ALA C 10 -9.15 6.28 -3.78
N ASP C 11 -8.44 7.30 -3.23
CA ASP C 11 -9.09 8.62 -3.05
C ASP C 11 -9.51 9.18 -4.39
N ASN C 12 -8.66 9.04 -5.41
CA ASN C 12 -9.00 9.52 -6.74
C ASN C 12 -10.13 8.70 -7.36
N LEU C 13 -10.18 7.40 -7.09
CA LEU C 13 -11.31 6.59 -7.63
C LEU C 13 -12.62 7.05 -6.99
N GLU C 14 -12.58 7.34 -5.69
CA GLU C 14 -13.80 7.84 -5.05
C GLU C 14 -14.23 9.20 -5.60
N ALA C 15 -13.28 10.11 -5.75
CA ALA C 15 -13.67 11.44 -6.30
C ALA C 15 -14.28 11.27 -7.68
N ALA C 16 -13.80 10.29 -8.45
CA ALA C 16 -14.32 10.09 -9.78
C ALA C 16 -15.73 9.47 -9.78
N ILE C 17 -15.95 8.43 -9.02
CA ILE C 17 -17.18 7.67 -9.26
C ILE C 17 -17.93 7.30 -8.00
N LYS C 18 -17.53 7.63 -6.77
CA LYS C 18 -18.33 7.27 -5.62
C LYS C 18 -19.74 7.86 -5.73
N GLY C 19 -20.72 6.97 -5.48
CA GLY C 19 -22.12 7.38 -5.46
C GLY C 19 -22.81 7.51 -6.80
N LYS C 20 -22.04 7.37 -7.91
CA LYS C 20 -22.65 7.61 -9.23
C LYS C 20 -23.12 6.33 -9.86
N PRO C 21 -24.35 6.28 -10.40
CA PRO C 21 -24.78 5.04 -11.03
C PRO C 21 -23.85 4.61 -12.16
N LEU C 22 -23.57 3.31 -12.19
CA LEU C 22 -22.70 2.75 -13.23
C LEU C 22 -23.50 2.57 -14.51
N THR C 23 -23.05 3.17 -15.59
CA THR C 23 -23.67 3.01 -16.89
C THR C 23 -23.00 1.92 -17.68
N ASP C 24 -21.78 1.52 -17.36
CA ASP C 24 -21.20 0.31 -17.98
C ASP C 24 -20.18 -0.27 -17.02
N VAL C 25 -20.01 -1.58 -17.07
CA VAL C 25 -19.09 -2.33 -16.24
C VAL C 25 -18.44 -3.38 -17.15
N TRP C 26 -17.13 -3.46 -17.13
CA TRP C 26 -16.42 -4.44 -17.94
C TRP C 26 -15.28 -5.05 -17.18
N PHE C 27 -15.16 -6.37 -17.32
CA PHE C 27 -14.02 -7.10 -16.76
C PHE C 27 -13.35 -7.94 -17.85
N ALA C 28 -12.01 -7.98 -17.89
CA ALA C 28 -11.38 -8.83 -18.88
C ALA C 28 -11.51 -10.29 -18.51
N PHE C 29 -11.48 -10.65 -17.21
CA PHE C 29 -11.42 -12.09 -16.85
C PHE C 29 -12.74 -12.82 -17.05
N PRO C 30 -12.74 -13.98 -17.70
CA PRO C 30 -13.98 -14.69 -18.01
C PRO C 30 -14.82 -14.91 -16.77
N GLN C 31 -14.18 -15.21 -15.65
CA GLN C 31 -14.96 -15.54 -14.44
C GLN C 31 -15.65 -14.31 -13.82
N LEU C 32 -15.30 -13.12 -14.26
CA LEU C 32 -15.92 -11.90 -13.73
C LEU C 32 -16.96 -11.35 -14.67
N LYS C 33 -17.10 -11.87 -15.88
CA LYS C 33 -18.05 -11.31 -16.82
C LYS C 33 -19.49 -11.36 -16.32
N THR C 34 -19.80 -12.38 -15.51
CA THR C 34 -21.16 -12.50 -15.00
C THR C 34 -21.57 -11.30 -14.18
N TYR C 35 -20.63 -10.53 -13.62
CA TYR C 35 -21.00 -9.41 -12.76
C TYR C 35 -21.25 -8.13 -13.53
N GLN C 36 -20.97 -8.12 -14.86
CA GLN C 36 -21.18 -6.86 -15.59
C GLN C 36 -22.61 -6.40 -15.59
N SER C 37 -23.54 -7.25 -16.01
CA SER C 37 -24.92 -6.73 -16.06
C SER C 37 -25.41 -6.47 -14.65
N GLN C 38 -24.96 -7.29 -13.68
CA GLN C 38 -25.41 -7.20 -12.30
C GLN C 38 -25.04 -5.86 -11.66
N LEU C 39 -23.98 -5.23 -12.13
CA LEU C 39 -23.51 -3.97 -11.48
C LEU C 39 -23.98 -2.75 -12.26
N ILE C 40 -24.50 -2.87 -13.48
CA ILE C 40 -25.00 -1.70 -14.17
C ILE C 40 -26.22 -1.13 -13.41
N GLY C 41 -26.22 0.16 -13.08
CA GLY C 41 -27.22 0.80 -12.30
C GLY C 41 -26.97 0.78 -10.80
N GLN C 42 -26.00 -0.06 -10.33
CA GLN C 42 -25.52 0.02 -8.96
C GLN C 42 -24.48 1.16 -8.93
N HIS C 43 -23.90 1.38 -7.75
CA HIS C 43 -22.84 2.41 -7.63
C HIS C 43 -21.81 1.94 -6.61
N VAL C 44 -20.63 2.53 -6.75
CA VAL C 44 -19.59 2.36 -5.75
C VAL C 44 -19.99 3.14 -4.51
N THR C 45 -19.97 2.50 -3.35
CA THR C 45 -20.33 3.20 -2.10
C THR C 45 -19.10 3.76 -1.43
N HIS C 46 -17.97 3.08 -1.52
CA HIS C 46 -16.68 3.60 -1.02
C HIS C 46 -15.59 2.68 -1.55
N VAL C 47 -14.38 3.25 -1.57
CA VAL C 47 -13.22 2.45 -1.96
C VAL C 47 -12.37 2.35 -0.69
N GLU C 48 -12.37 1.19 -0.08
CA GLU C 48 -11.58 0.89 1.10
C GLU C 48 -10.23 0.39 0.69
N THR C 49 -9.20 0.66 1.52
CA THR C 49 -7.90 0.03 1.31
C THR C 49 -7.47 -0.66 2.58
N ARG C 50 -6.82 -1.80 2.47
CA ARG C 50 -6.14 -2.47 3.61
C ARG C 50 -4.72 -2.73 3.14
N GLY C 51 -3.84 -1.78 3.52
CA GLY C 51 -2.50 -1.83 2.91
C GLY C 51 -2.63 -1.61 1.41
N LYS C 52 -2.04 -2.55 0.65
CA LYS C 52 -2.02 -2.47 -0.82
C LYS C 52 -3.21 -3.17 -1.43
N ALA C 53 -4.09 -3.79 -0.67
CA ALA C 53 -5.34 -4.36 -1.21
C ALA C 53 -6.39 -3.24 -1.32
N LEU C 54 -7.03 -3.19 -2.48
CA LEU C 54 -8.03 -2.13 -2.76
C LEU C 54 -9.39 -2.83 -2.91
N LEU C 55 -10.36 -2.32 -2.16
CA LEU C 55 -11.68 -2.94 -2.04
C LEU C 55 -12.72 -1.93 -2.53
N THR C 56 -13.24 -2.16 -3.73
CA THR C 56 -14.24 -1.27 -4.35
C THR C 56 -15.61 -1.81 -3.96
N HIS C 57 -16.23 -1.21 -2.97
CA HIS C 57 -17.52 -1.70 -2.46
C HIS C 57 -18.64 -1.18 -3.34
N PHE C 58 -19.57 -2.06 -3.72
CA PHE C 58 -20.73 -1.68 -4.48
C PHE C 58 -22.00 -1.70 -3.61
N SER C 59 -23.03 -1.07 -4.15
CA SER C 59 -24.30 -0.90 -3.43
C SER C 59 -25.10 -2.18 -3.34
N ASN C 60 -24.71 -3.28 -3.89
CA ASN C 60 -25.45 -4.56 -3.78
C ASN C 60 -24.64 -5.57 -2.97
N ASP C 61 -23.79 -5.11 -2.08
CA ASP C 61 -23.08 -5.99 -1.14
C ASP C 61 -21.99 -6.79 -1.82
N LEU C 62 -21.65 -6.53 -3.08
CA LEU C 62 -20.42 -7.07 -3.65
C LEU C 62 -19.26 -6.13 -3.48
N THR C 63 -18.05 -6.65 -3.49
CA THR C 63 -16.85 -5.82 -3.39
C THR C 63 -15.82 -6.34 -4.37
N LEU C 64 -15.30 -5.46 -5.24
CA LEU C 64 -14.18 -5.91 -6.07
C LEU C 64 -12.88 -5.81 -5.29
N TYR C 65 -12.16 -6.90 -5.21
CA TYR C 65 -10.84 -6.94 -4.64
C TYR C 65 -9.84 -6.76 -5.77
N SER C 66 -8.89 -5.83 -5.60
CA SER C 66 -7.79 -5.81 -6.57
C SER C 66 -6.50 -5.49 -5.82
N HIS C 67 -5.42 -6.07 -6.33
CA HIS C 67 -4.11 -5.87 -5.73
C HIS C 67 -3.18 -5.64 -6.90
N ASN C 68 -2.44 -4.54 -6.91
CA ASN C 68 -1.65 -4.19 -8.07
C ASN C 68 -0.27 -4.87 -8.06
N GLN C 69 0.12 -5.51 -6.97
CA GLN C 69 1.46 -6.13 -6.94
C GLN C 69 2.53 -5.09 -7.35
N LEU C 70 3.41 -5.43 -8.25
CA LEU C 70 4.44 -4.47 -8.69
C LEU C 70 4.02 -3.67 -9.90
N TYR C 71 2.90 -4.01 -10.56
CA TYR C 71 2.68 -3.48 -11.90
C TYR C 71 1.31 -2.94 -12.18
N GLY C 72 0.29 -3.15 -11.38
CA GLY C 72 -1.05 -2.68 -11.72
C GLY C 72 -1.16 -1.17 -11.49
N VAL C 73 -2.05 -0.50 -12.25
CA VAL C 73 -2.30 0.91 -12.04
C VAL C 73 -3.70 1.28 -12.48
N TRP C 74 -4.37 2.11 -11.68
CA TRP C 74 -5.66 2.69 -12.03
C TRP C 74 -5.44 4.02 -12.77
N ARG C 75 -6.31 4.32 -13.71
CA ARG C 75 -6.39 5.60 -14.38
C ARG C 75 -7.83 6.10 -14.33
N VAL C 76 -7.96 7.41 -14.18
CA VAL C 76 -9.26 8.09 -14.21
C VAL C 76 -9.36 8.81 -15.53
N VAL C 77 -10.42 8.60 -16.27
CA VAL C 77 -10.62 9.26 -17.57
C VAL C 77 -12.02 9.83 -17.66
N ASP C 78 -12.26 10.71 -18.60
CA ASP C 78 -13.64 11.09 -18.92
C ASP C 78 -14.30 9.99 -19.72
N THR C 79 -15.61 9.83 -19.50
CA THR C 79 -16.30 8.70 -20.09
C THR C 79 -16.19 8.67 -21.63
N GLY C 80 -15.90 7.49 -22.13
CA GLY C 80 -15.72 7.28 -23.56
C GLY C 80 -14.27 7.51 -24.00
N GLU C 81 -13.43 8.10 -23.15
CA GLU C 81 -12.04 8.37 -23.52
C GLU C 81 -11.19 7.17 -23.06
N GLU C 82 -10.14 6.90 -23.78
CA GLU C 82 -9.22 5.83 -23.48
C GLU C 82 -7.98 6.23 -24.27
N PRO C 83 -7.16 6.93 -23.53
CA PRO C 83 -5.86 7.26 -24.10
C PRO C 83 -5.07 6.00 -24.48
N GLN C 84 -4.43 6.03 -25.67
CA GLN C 84 -3.61 4.90 -26.09
C GLN C 84 -2.60 4.51 -25.00
N THR C 85 -2.51 3.20 -24.81
CA THR C 85 -1.51 2.67 -23.88
C THR C 85 -1.18 1.26 -24.35
N THR C 86 0.03 0.80 -24.06
CA THR C 86 0.33 -0.60 -24.31
C THR C 86 -0.09 -1.55 -23.20
N ARG C 87 -0.51 -1.02 -22.08
CA ARG C 87 -0.90 -1.86 -20.94
C ARG C 87 -2.21 -2.61 -21.18
N VAL C 88 -2.35 -3.75 -20.54
CA VAL C 88 -3.58 -4.51 -20.75
C VAL C 88 -4.70 -4.03 -19.84
N LEU C 89 -5.85 -3.68 -20.39
CA LEU C 89 -6.99 -3.24 -19.59
C LEU C 89 -7.65 -4.42 -18.90
N ARG C 90 -7.92 -4.30 -17.60
CA ARG C 90 -8.48 -5.38 -16.82
C ARG C 90 -9.86 -5.06 -16.25
N VAL C 91 -10.16 -3.82 -15.92
CA VAL C 91 -11.46 -3.46 -15.35
C VAL C 91 -11.85 -2.07 -15.86
N LYS C 92 -13.12 -1.88 -16.22
CA LYS C 92 -13.67 -0.56 -16.48
C LYS C 92 -14.94 -0.39 -15.63
N LEU C 93 -15.01 0.68 -14.85
CA LEU C 93 -16.24 1.08 -14.13
C LEU C 93 -16.59 2.48 -14.61
N GLN C 94 -17.68 2.55 -15.36
CA GLN C 94 -18.07 3.77 -16.11
C GLN C 94 -19.33 4.38 -15.54
N THR C 95 -19.30 5.72 -15.42
CA THR C 95 -20.47 6.49 -15.04
C THR C 95 -20.74 7.55 -16.10
N ALA C 96 -21.74 8.40 -15.90
CA ALA C 96 -22.13 9.36 -16.95
C ALA C 96 -20.98 10.26 -17.32
N ASP C 97 -20.15 10.69 -16.36
CA ASP C 97 -19.09 11.67 -16.71
C ASP C 97 -17.69 11.10 -16.53
N LYS C 98 -17.41 10.27 -15.57
CA LYS C 98 -16.07 9.74 -15.32
C LYS C 98 -16.07 8.22 -15.40
N THR C 99 -14.91 7.68 -15.79
CA THR C 99 -14.69 6.23 -15.83
C THR C 99 -13.35 5.95 -15.10
N ILE C 100 -13.32 4.85 -14.41
CA ILE C 100 -12.05 4.38 -13.83
C ILE C 100 -11.64 3.06 -14.53
N LEU C 101 -10.35 2.96 -14.79
CA LEU C 101 -9.76 1.88 -15.57
C LEU C 101 -8.64 1.24 -14.76
N LEU C 102 -8.64 -0.06 -14.59
CA LEU C 102 -7.55 -0.75 -13.94
C LEU C 102 -6.76 -1.47 -15.00
N TYR C 103 -5.49 -1.15 -15.12
CA TYR C 103 -4.58 -1.79 -16.06
C TYR C 103 -3.64 -2.72 -15.37
N SER C 104 -3.32 -3.83 -16.02
CA SER C 104 -2.16 -4.66 -15.76
C SER C 104 -2.29 -5.57 -14.55
N ALA C 105 -3.02 -5.17 -13.52
CA ALA C 105 -3.15 -6.04 -12.34
C ALA C 105 -3.66 -7.42 -12.73
N SER C 106 -3.17 -8.45 -12.07
CA SER C 106 -3.60 -9.80 -12.31
C SER C 106 -4.41 -10.33 -11.14
N ASP C 107 -4.35 -9.71 -9.99
CA ASP C 107 -5.05 -10.21 -8.81
C ASP C 107 -6.33 -9.43 -8.61
N ILE C 108 -7.40 -9.93 -9.20
CA ILE C 108 -8.69 -9.24 -9.21
C ILE C 108 -9.77 -10.27 -9.00
N GLU C 109 -10.65 -10.06 -8.03
CA GLU C 109 -11.74 -11.02 -7.81
C GLU C 109 -12.94 -10.30 -7.18
N MET C 110 -14.09 -10.91 -7.34
CA MET C 110 -15.30 -10.35 -6.76
C MET C 110 -15.62 -11.03 -5.43
N LEU C 111 -15.81 -10.27 -4.38
CA LEU C 111 -16.03 -10.79 -3.05
C LEU C 111 -17.45 -10.57 -2.57
N ARG C 112 -18.00 -11.65 -1.98
CA ARG C 112 -19.21 -11.56 -1.20
C ARG C 112 -18.89 -11.04 0.21
N PRO C 113 -19.84 -10.53 0.98
CA PRO C 113 -19.51 -9.95 2.28
C PRO C 113 -18.72 -10.89 3.20
N GLU C 114 -19.08 -12.16 3.23
CA GLU C 114 -18.35 -13.09 4.12
C GLU C 114 -16.86 -13.14 3.74
N GLN C 115 -16.56 -12.94 2.49
CA GLN C 115 -15.17 -13.07 2.04
C GLN C 115 -14.31 -11.89 2.46
N LEU C 116 -14.90 -10.78 2.88
CA LEU C 116 -14.12 -9.65 3.35
C LEU C 116 -13.33 -9.98 4.59
N THR C 117 -13.69 -11.06 5.31
CA THR C 117 -12.85 -11.48 6.45
C THR C 117 -12.16 -12.79 6.20
N THR C 118 -12.56 -13.61 5.21
CA THR C 118 -11.97 -14.95 5.03
C THR C 118 -11.03 -15.04 3.86
N HIS C 119 -11.05 -14.10 2.91
CA HIS C 119 -10.10 -14.09 1.77
C HIS C 119 -8.69 -14.22 2.26
N PRO C 120 -7.83 -15.03 1.63
CA PRO C 120 -6.54 -15.34 2.28
C PRO C 120 -5.71 -14.11 2.63
N PHE C 121 -5.66 -13.11 1.79
CA PHE C 121 -4.86 -11.92 2.12
C PHE C 121 -5.56 -11.10 3.18
N LEU C 122 -6.84 -10.88 3.02
CA LEU C 122 -7.59 -10.07 3.97
C LEU C 122 -7.58 -10.71 5.33
N GLN C 123 -7.56 -12.02 5.43
CA GLN C 123 -7.53 -12.66 6.74
C GLN C 123 -6.16 -12.48 7.38
N ARG C 124 -5.09 -12.40 6.65
CA ARG C 124 -3.74 -12.41 7.25
C ARG C 124 -3.24 -11.01 7.55
N VAL C 125 -3.76 -9.96 6.91
CA VAL C 125 -3.15 -8.63 7.03
C VAL C 125 -3.27 -8.12 8.45
N GLY C 126 -2.25 -7.40 8.88
CA GLY C 126 -2.31 -6.70 10.18
C GLY C 126 -2.94 -5.31 10.08
N PRO C 127 -2.86 -4.56 11.15
CA PRO C 127 -3.41 -3.19 11.17
C PRO C 127 -2.71 -2.35 10.10
N ASP C 128 -3.43 -1.41 9.54
CA ASP C 128 -2.96 -0.57 8.47
C ASP C 128 -2.29 0.69 9.02
N VAL C 129 -1.07 0.98 8.52
CA VAL C 129 -0.33 2.14 9.02
C VAL C 129 -1.07 3.44 8.79
N LEU C 130 -1.97 3.48 7.77
CA LEU C 130 -2.72 4.71 7.52
C LEU C 130 -4.01 4.76 8.30
N ASP C 131 -4.36 3.78 9.12
CA ASP C 131 -5.58 3.83 9.93
C ASP C 131 -5.40 4.80 11.05
N PRO C 132 -6.12 5.89 11.13
CA PRO C 132 -5.86 6.91 12.15
C PRO C 132 -6.16 6.34 13.54
N ASN C 133 -6.91 5.26 13.65
CA ASN C 133 -7.12 4.66 14.98
C ASN C 133 -5.90 3.87 15.49
N LEU C 134 -4.92 3.56 14.61
CA LEU C 134 -3.72 2.86 15.05
C LEU C 134 -2.73 3.87 15.62
N THR C 135 -2.28 3.64 16.87
CA THR C 135 -1.44 4.60 17.56
C THR C 135 -0.03 4.08 17.72
N PRO C 136 0.95 4.98 17.94
CA PRO C 136 2.30 4.51 18.23
C PRO C 136 2.32 3.58 19.43
N GLU C 137 1.50 3.77 20.44
CA GLU C 137 1.53 2.90 21.64
C GLU C 137 1.14 1.48 21.22
N VAL C 138 0.10 1.34 20.38
CA VAL C 138 -0.31 0.00 19.93
C VAL C 138 0.79 -0.62 19.06
N VAL C 139 1.45 0.19 18.22
CA VAL C 139 2.57 -0.36 17.42
C VAL C 139 3.69 -0.82 18.33
N LYS C 140 4.00 -0.05 19.39
CA LYS C 140 5.04 -0.51 20.32
C LYS C 140 4.66 -1.84 20.94
N GLU C 141 3.40 -2.00 21.36
CA GLU C 141 2.95 -3.26 21.92
C GLU C 141 3.11 -4.36 20.90
N ARG C 142 2.82 -4.07 19.64
CA ARG C 142 2.86 -5.11 18.59
C ARG C 142 4.32 -5.53 18.40
N LEU C 143 5.26 -4.56 18.31
CA LEU C 143 6.68 -4.88 18.22
C LEU C 143 7.16 -5.77 19.36
N LEU C 144 6.68 -5.47 20.60
CA LEU C 144 7.18 -6.18 21.79
C LEU C 144 6.42 -7.45 22.06
N SER C 145 5.35 -7.69 21.32
CA SER C 145 4.49 -8.85 21.58
C SER C 145 5.28 -10.12 21.33
N PRO C 146 4.94 -11.21 21.95
CA PRO C 146 5.64 -12.50 21.68
C PRO C 146 5.67 -12.85 20.22
N ARG C 147 4.58 -12.52 19.50
CA ARG C 147 4.52 -12.90 18.11
C ARG C 147 5.59 -12.23 17.24
N PHE C 148 5.98 -10.97 17.55
CA PHE C 148 6.86 -10.23 16.65
C PHE C 148 8.18 -9.81 17.27
N ARG C 149 8.38 -9.94 18.59
CA ARG C 149 9.58 -9.34 19.22
C ARG C 149 10.89 -10.02 18.81
N ASN C 150 10.79 -11.23 18.27
CA ASN C 150 12.01 -11.96 17.84
C ASN C 150 12.22 -11.94 16.34
N ARG C 151 11.42 -11.13 15.63
CA ARG C 151 11.51 -11.09 14.16
C ARG C 151 12.53 -10.05 13.72
N GLN C 152 13.40 -10.43 12.83
CA GLN C 152 14.32 -9.45 12.23
C GLN C 152 13.58 -8.41 11.39
N PHE C 153 13.97 -7.15 11.51
CA PHE C 153 13.27 -6.07 10.82
C PHE C 153 13.33 -6.17 9.30
N ALA C 154 14.43 -6.70 8.76
CA ALA C 154 14.56 -6.83 7.31
C ALA C 154 13.30 -7.42 6.71
N GLY C 155 12.84 -8.56 7.24
CA GLY C 155 11.61 -9.16 6.67
C GLY C 155 10.37 -8.67 7.36
N LEU C 156 10.45 -8.29 8.65
CA LEU C 156 9.25 -7.89 9.36
C LEU C 156 8.59 -6.70 8.66
N LEU C 157 9.37 -5.73 8.22
CA LEU C 157 8.81 -4.49 7.66
C LEU C 157 8.34 -4.68 6.21
N LEU C 158 8.45 -5.87 5.65
CA LEU C 158 7.78 -6.21 4.40
C LEU C 158 6.57 -7.11 4.64
N ASP C 159 6.43 -7.65 5.85
CA ASP C 159 5.39 -8.66 6.10
C ASP C 159 4.08 -8.00 6.41
N GLN C 160 3.07 -8.15 5.55
CA GLN C 160 1.81 -7.42 5.73
C GLN C 160 1.01 -7.92 6.91
N ALA C 161 1.39 -9.10 7.48
CA ALA C 161 0.73 -9.54 8.71
C ALA C 161 1.18 -8.74 9.94
N PHE C 162 2.32 -8.06 9.83
CA PHE C 162 2.79 -7.17 10.87
C PHE C 162 2.06 -5.85 10.74
N LEU C 163 2.43 -5.01 9.78
CA LEU C 163 1.73 -3.75 9.53
C LEU C 163 1.41 -3.66 8.05
N ALA C 164 0.15 -3.49 7.74
CA ALA C 164 -0.23 -3.42 6.33
C ALA C 164 0.10 -2.07 5.72
N GLY C 165 0.67 -2.12 4.51
CA GLY C 165 0.94 -0.94 3.72
C GLY C 165 2.43 -0.62 3.60
N LEU C 166 3.25 -1.15 4.49
CA LEU C 166 4.71 -0.96 4.34
C LEU C 166 5.19 -1.76 3.14
N GLY C 167 6.01 -1.18 2.27
CA GLY C 167 6.76 -1.95 1.29
C GLY C 167 8.22 -1.53 1.34
N ASN C 168 8.92 -1.79 0.22
CA ASN C 168 10.40 -1.68 0.32
C ASN C 168 10.85 -0.24 0.49
N TYR C 169 10.24 0.74 -0.18
CA TYR C 169 10.78 2.08 0.02
C TYR C 169 10.51 2.44 1.50
N LEU C 170 9.34 2.13 2.00
CA LEU C 170 9.04 2.52 3.40
C LEU C 170 9.99 1.79 4.35
N ARG C 171 10.27 0.52 4.09
CA ARG C 171 11.25 -0.19 4.93
C ARG C 171 12.57 0.57 4.99
N VAL C 172 13.10 0.96 3.82
CA VAL C 172 14.42 1.58 3.73
C VAL C 172 14.37 2.94 4.42
N GLU C 173 13.29 3.71 4.24
CA GLU C 173 13.21 5.06 4.79
C GLU C 173 13.01 5.01 6.29
N ILE C 174 12.16 4.09 6.77
CA ILE C 174 11.94 4.01 8.23
C ILE C 174 13.20 3.57 8.93
N LEU C 175 13.93 2.57 8.39
CA LEU C 175 15.15 2.10 9.11
C LEU C 175 16.18 3.21 9.08
N TRP C 176 16.32 3.99 8.00
CA TRP C 176 17.30 5.08 8.05
C TRP C 176 16.87 6.12 9.06
N GLN C 177 15.57 6.47 9.11
CA GLN C 177 15.16 7.51 10.06
C GLN C 177 15.58 7.20 11.47
N VAL C 178 15.47 5.91 11.86
CA VAL C 178 15.78 5.54 13.26
C VAL C 178 17.19 5.00 13.43
N GLY C 179 18.01 5.07 12.39
CA GLY C 179 19.44 4.74 12.53
C GLY C 179 19.72 3.25 12.60
N LEU C 180 18.85 2.40 12.06
CA LEU C 180 19.03 0.94 12.22
C LEU C 180 19.20 0.25 10.89
N THR C 181 19.99 -0.83 10.89
CA THR C 181 19.98 -1.71 9.74
C THR C 181 18.83 -2.72 9.91
N GLY C 182 18.62 -3.60 8.94
CA GLY C 182 17.58 -4.58 9.04
C GLY C 182 17.87 -5.76 9.98
N ASN C 183 19.06 -5.86 10.53
CA ASN C 183 19.45 -7.02 11.32
C ASN C 183 19.33 -6.76 12.81
C ASN C 183 19.34 -6.71 12.79
N HIS C 184 18.14 -6.35 13.20
CA HIS C 184 17.75 -6.14 14.58
C HIS C 184 16.36 -6.69 14.81
N LYS C 185 16.08 -6.95 16.08
CA LYS C 185 14.77 -7.43 16.55
C LYS C 185 14.27 -6.47 17.59
N ALA C 186 12.96 -6.34 17.76
CA ALA C 186 12.44 -5.36 18.71
C ALA C 186 12.89 -5.67 20.12
N LYS C 187 13.02 -6.93 20.51
CA LYS C 187 13.43 -7.29 21.87
C LYS C 187 14.78 -6.71 22.24
N ASP C 188 15.61 -6.38 21.29
CA ASP C 188 16.95 -5.95 21.64
C ASP C 188 17.06 -4.43 21.63
N LEU C 189 16.03 -3.68 21.23
CA LEU C 189 16.14 -2.21 21.29
C LEU C 189 15.98 -1.64 22.68
N ASN C 190 16.62 -0.46 22.89
CA ASN C 190 16.32 0.26 24.13
C ASN C 190 15.00 1.00 23.97
N ALA C 191 14.48 1.54 25.08
CA ALA C 191 13.14 2.13 25.04
C ALA C 191 13.08 3.32 24.12
N ALA C 192 14.15 4.12 24.02
CA ALA C 192 14.12 5.29 23.14
C ALA C 192 14.05 4.84 21.69
N GLN C 193 14.86 3.83 21.32
CA GLN C 193 14.85 3.34 19.96
C GLN C 193 13.52 2.69 19.58
N LEU C 194 12.97 1.91 20.51
CA LEU C 194 11.66 1.27 20.23
C LEU C 194 10.62 2.32 19.99
N ASP C 195 10.61 3.40 20.81
CA ASP C 195 9.66 4.46 20.65
C ASP C 195 9.85 5.16 19.32
N ALA C 196 11.10 5.44 18.94
CA ALA C 196 11.38 6.08 17.67
C ALA C 196 10.87 5.22 16.52
N LEU C 197 11.12 3.89 16.60
CA LEU C 197 10.68 3.02 15.51
C LEU C 197 9.16 2.99 15.45
N ALA C 198 8.47 2.84 16.57
CA ALA C 198 7.03 2.81 16.58
C ALA C 198 6.40 4.05 15.92
N HIS C 199 6.98 5.22 16.26
CA HIS C 199 6.51 6.44 15.65
C HIS C 199 6.80 6.48 14.16
N ALA C 200 8.01 6.10 13.72
CA ALA C 200 8.35 6.19 12.31
C ALA C 200 7.51 5.24 11.46
N LEU C 201 7.15 4.07 12.01
CA LEU C 201 6.38 3.09 11.26
C LEU C 201 5.03 3.66 10.82
N LEU C 202 4.51 4.61 11.60
CA LEU C 202 3.26 5.28 11.25
C LEU C 202 3.52 6.62 10.54
N GLU C 203 4.47 7.39 11.07
CA GLU C 203 4.59 8.80 10.62
C GLU C 203 5.17 8.90 9.24
N ILE C 204 6.12 8.06 8.85
CA ILE C 204 6.66 8.17 7.47
C ILE C 204 5.63 7.77 6.46
N PRO C 205 4.91 6.66 6.58
CA PRO C 205 3.82 6.36 5.60
C PRO C 205 2.79 7.48 5.60
N ARG C 206 2.38 8.01 6.75
CA ARG C 206 1.34 9.05 6.76
C ARG C 206 1.86 10.31 6.10
N PHE C 207 3.14 10.67 6.26
CA PHE C 207 3.69 11.86 5.61
C PHE C 207 3.77 11.65 4.11
N SER C 208 4.18 10.47 3.67
CA SER C 208 4.19 10.18 2.23
C SER C 208 2.77 10.27 1.65
N TYR C 209 1.80 9.66 2.33
CA TYR C 209 0.41 9.75 1.86
C TYR C 209 -0.03 11.21 1.74
N ALA C 210 0.30 12.02 2.73
CA ALA C 210 -0.17 13.40 2.77
C ALA C 210 0.54 14.30 1.72
N THR C 211 1.81 14.00 1.40
CA THR C 211 2.57 15.06 0.68
C THR C 211 3.34 14.57 -0.51
N ARG C 212 3.46 13.24 -0.79
CA ARG C 212 4.24 12.86 -1.94
C ARG C 212 3.58 13.27 -3.24
N GLY C 213 2.25 13.29 -3.29
CA GLY C 213 1.55 13.79 -4.50
C GLY C 213 1.55 15.31 -4.58
N ALA C 223 6.75 21.79 3.95
CA ALA C 223 7.59 20.59 4.12
C ALA C 223 6.97 19.33 3.54
N LEU C 224 7.74 18.69 2.66
CA LEU C 224 7.15 17.64 1.82
C LEU C 224 7.99 16.36 1.88
N PHE C 225 7.31 15.26 1.74
CA PHE C 225 8.00 14.00 1.71
C PHE C 225 9.10 13.93 0.68
N ARG C 226 10.23 13.34 1.08
CA ARG C 226 11.28 13.08 0.08
C ARG C 226 12.07 11.84 0.48
N PHE C 227 12.72 11.13 -0.45
CA PHE C 227 13.53 9.99 -0.06
C PHE C 227 14.83 10.48 0.56
N LYS C 228 15.22 9.90 1.69
CA LYS C 228 16.50 10.18 2.30
C LYS C 228 17.56 9.24 1.80
N VAL C 229 17.23 7.99 1.48
CA VAL C 229 18.24 7.03 1.00
C VAL C 229 17.71 6.22 -0.17
N PHE C 230 16.40 5.99 -0.30
CA PHE C 230 15.94 5.11 -1.38
C PHE C 230 16.38 5.64 -2.76
N HIS C 231 17.06 4.82 -3.58
CA HIS C 231 17.56 5.21 -4.90
C HIS C 231 18.61 6.33 -4.81
N ARG C 232 19.24 6.53 -3.68
CA ARG C 232 20.27 7.58 -3.57
C ARG C 232 21.66 7.01 -3.35
N ASP C 233 21.87 5.77 -3.73
CA ASP C 233 23.21 5.22 -3.70
C ASP C 233 24.18 6.08 -4.49
N GLY C 234 25.37 6.25 -3.90
CA GLY C 234 26.42 7.06 -4.46
C GLY C 234 26.30 8.51 -4.03
N GLU C 235 25.20 8.92 -3.42
CA GLU C 235 25.08 10.29 -2.92
C GLU C 235 25.47 10.35 -1.45
N PRO C 236 25.92 11.49 -0.95
CA PRO C 236 26.18 11.64 0.46
C PRO C 236 24.88 11.67 1.25
N CYS C 237 24.93 10.93 2.35
CA CYS C 237 23.85 10.98 3.34
C CYS C 237 23.64 12.39 3.86
N GLU C 238 22.39 12.82 3.92
CA GLU C 238 22.19 14.18 4.41
C GLU C 238 22.42 14.32 5.92
N ARG C 239 22.50 13.22 6.66
CA ARG C 239 22.73 13.27 8.10
C ARG C 239 24.22 13.25 8.46
N CYS C 240 24.97 12.31 7.85
CA CYS C 240 26.37 12.19 8.30
C CYS C 240 27.34 12.36 7.14
N GLY C 241 26.89 12.45 5.91
CA GLY C 241 27.80 12.62 4.80
C GLY C 241 28.44 11.40 4.24
N SER C 242 28.30 10.22 4.84
CA SER C 242 28.84 9.00 4.24
C SER C 242 28.08 8.71 2.94
N ILE C 243 28.71 7.92 2.06
CA ILE C 243 28.07 7.62 0.78
C ILE C 243 27.10 6.45 0.92
N ILE C 244 25.85 6.75 0.50
CA ILE C 244 24.77 5.79 0.62
C ILE C 244 25.08 4.60 -0.27
N GLU C 245 24.79 3.39 0.24
CA GLU C 245 25.04 2.14 -0.50
C GLU C 245 23.77 1.46 -0.92
N LYS C 246 23.87 0.71 -2.01
CA LYS C 246 22.85 -0.16 -2.54
C LYS C 246 23.34 -1.58 -2.44
N THR C 247 22.51 -2.40 -1.83
CA THR C 247 22.75 -3.85 -1.70
C THR C 247 21.42 -4.58 -1.89
N THR C 248 21.35 -5.82 -1.46
CA THR C 248 20.11 -6.56 -1.40
C THR C 248 19.86 -6.97 0.05
N LEU C 249 18.59 -7.02 0.40
CA LEU C 249 18.17 -7.48 1.72
C LEU C 249 16.82 -8.11 1.59
N SER C 250 16.62 -9.34 2.03
CA SER C 250 15.37 -10.08 1.85
C SER C 250 14.97 -10.20 0.40
N SER C 251 16.00 -10.42 -0.48
CA SER C 251 15.77 -10.64 -1.92
C SER C 251 15.10 -9.41 -2.56
N ARG C 252 15.29 -8.24 -2.01
CA ARG C 252 14.84 -6.96 -2.57
C ARG C 252 16.00 -5.95 -2.48
N PRO C 253 16.00 -4.92 -3.31
N PRO C 253 15.94 -4.91 -3.30
CA PRO C 253 17.10 -3.96 -3.19
CA PRO C 253 16.93 -3.83 -3.23
C PRO C 253 17.01 -3.32 -1.82
C PRO C 253 16.96 -3.18 -1.85
N PHE C 254 18.14 -2.77 -1.41
CA PHE C 254 18.19 -2.15 -0.08
C PHE C 254 19.15 -0.98 -0.13
N TYR C 255 18.74 0.14 0.43
CA TYR C 255 19.53 1.35 0.43
C TYR C 255 19.81 1.73 1.86
N TRP C 256 21.04 2.10 2.22
CA TRP C 256 21.31 2.42 3.61
C TRP C 256 22.59 3.22 3.67
N CYS C 257 22.81 3.87 4.81
CA CYS C 257 24.00 4.63 5.09
C CYS C 257 24.92 3.95 6.10
N PRO C 258 26.16 3.63 5.69
CA PRO C 258 27.08 2.97 6.63
C PRO C 258 27.58 3.85 7.74
N GLY C 259 27.36 5.16 7.63
CA GLY C 259 27.89 6.03 8.69
C GLY C 259 26.89 6.23 9.83
N CYS C 260 25.61 6.00 9.58
CA CYS C 260 24.64 6.34 10.65
C CYS C 260 23.55 5.28 10.82
N GLN C 261 23.64 4.15 10.10
CA GLN C 261 22.74 3.03 10.38
C GLN C 261 23.57 1.89 10.96
N HIS C 262 23.12 1.36 12.09
CA HIS C 262 23.87 0.35 12.82
C HIS C 262 22.97 -0.82 13.21
ZN ZN D . 24.49 8.65 7.26
S SO4 E . -2.41 12.51 -6.33
O1 SO4 E . -2.51 11.81 -5.09
O2 SO4 E . -3.55 12.43 -7.21
O3 SO4 E . -2.13 13.92 -6.12
O4 SO4 E . -1.31 11.98 -7.14
S SO4 F . 8.49 4.75 26.74
O1 SO4 F . 8.31 5.79 25.68
O2 SO4 F . 7.73 5.07 27.94
O3 SO4 F . 7.99 3.52 26.14
O4 SO4 F . 9.88 4.64 27.11
S SO4 G . 16.41 0.99 28.17
O1 SO4 G . 17.88 0.93 28.21
O2 SO4 G . 15.91 2.25 27.67
O3 SO4 G . 15.92 -0.08 27.30
O4 SO4 G . 15.91 0.72 29.52
S SO4 H . 6.03 4.91 -8.85
O1 SO4 H . 7.27 5.64 -8.56
O2 SO4 H . 5.09 5.05 -7.75
O3 SO4 H . 5.45 5.46 -10.07
O4 SO4 H . 6.33 3.49 -9.08
S SO4 I . 12.93 -14.50 8.62
O1 SO4 I . 11.78 -15.42 8.70
O2 SO4 I . 12.54 -13.11 8.47
O3 SO4 I . 13.68 -14.63 9.88
O4 SO4 I . 13.68 -15.01 7.45
C1 GOL J . 2.18 -14.31 11.07
O1 GOL J . 1.21 -15.03 10.32
C2 GOL J . 3.16 -15.27 11.87
O2 GOL J . 3.31 -14.69 13.19
C3 GOL J . 4.49 -15.06 11.07
O3 GOL J . 5.59 -15.88 10.93
C1 GOL K . 6.75 11.54 21.13
O1 GOL K . 6.78 11.57 19.70
C2 GOL K . 7.25 10.18 21.66
O2 GOL K . 8.52 9.86 21.13
C3 GOL K . 7.17 9.99 23.18
O3 GOL K . 5.87 9.90 23.75
C1 GOL L . -16.14 15.13 -25.47
O1 GOL L . -14.96 15.38 -26.25
C2 GOL L . -17.10 14.28 -26.42
O2 GOL L . -16.41 14.17 -27.65
C3 GOL L . -18.41 15.08 -26.56
O3 GOL L . -19.41 14.69 -27.48
C1 GOL M . -13.49 -16.18 10.73
O1 GOL M . -12.15 -16.57 11.03
C2 GOL M . -13.50 -15.11 9.61
O2 GOL M . -12.19 -14.68 9.30
C3 GOL M . -14.45 -13.92 9.92
O3 GOL M . -15.70 -14.10 9.26
#